data_4Z0N
#
_entry.id   4Z0N
#
_cell.length_a   116.396
_cell.length_b   44.011
_cell.length_c   62.037
_cell.angle_alpha   90.000
_cell.angle_beta   104.320
_cell.angle_gamma   90.000
#
_symmetry.space_group_name_H-M   'C 1 2 1'
#
loop_
_entity.id
_entity.type
_entity.pdbx_description
1 polymer 'Periplasmic binding protein/LacI transcriptional regulator'
2 non-polymer 'SULFATE ION'
3 non-polymer beta-D-galactopyranose
4 non-polymer 'ACETATE ION'
5 non-polymer 'CALCIUM ION'
6 non-polymer 1,2-ETHANEDIOL
7 non-polymer 'SODIUM ION'
8 water water
#
_entity_poly.entity_id   1
_entity_poly.type   'polypeptide(L)'
_entity_poly.pdbx_seq_one_letter_code
;(MSE)HHHHHHSSGVDLGTENLYFQS(MSE)GSKKDTSKITLGVTYYKFDDNFLAG(MSE)RND(MSE)IQIAKEKYPNI
ELLNNDSQNSQSILNDQIEVLINKGVNVLVINLVDPTAGQSVIDKAKAANIPIILFNKDPGVDALNSYDKAWYVGTTPKD
SGILQGQVIEKAWLANPAYDLNGDGVIQYV(MSE)LFGEPGQPDAEARTKYSIEYLNEKGIKTEELHKDIANWDAAQAKD
K(MSE)DAWLSGPNANKIEVVIANNDG(MSE)ALGAVESIKAVKKELPVFGVDAIQEALTLIEKGE(MSE)VGTVLQDAT
GQARAILELANNIANGKEPTEGTEWKLIDKAVRVPYVGVDKDNYKEFQK
;
_entity_poly.pdbx_strand_id   A
#
# COMPACT_ATOMS: atom_id res chain seq x y z
N LYS A 31 26.89 -9.35 14.66
CA LYS A 31 25.78 -8.56 14.12
C LYS A 31 24.70 -9.45 13.51
N ILE A 32 23.54 -8.84 13.26
CA ILE A 32 22.46 -9.50 12.52
C ILE A 32 22.28 -8.71 11.23
N THR A 33 22.30 -9.41 10.10
CA THR A 33 22.14 -8.75 8.80
C THR A 33 20.83 -9.13 8.14
N LEU A 34 20.05 -8.13 7.75
CA LEU A 34 18.80 -8.34 7.05
C LEU A 34 18.96 -7.98 5.58
N GLY A 35 18.63 -8.92 4.70
CA GLY A 35 18.64 -8.64 3.27
C GLY A 35 17.25 -8.18 2.86
N VAL A 36 17.09 -6.89 2.64
CA VAL A 36 15.77 -6.31 2.42
C VAL A 36 15.62 -5.88 0.97
N THR A 37 14.50 -6.26 0.35
CA THR A 37 14.26 -5.86 -1.03
C THR A 37 12.95 -5.07 -1.15
N TYR A 38 12.96 -4.09 -2.05
CA TYR A 38 11.79 -3.27 -2.36
C TYR A 38 11.54 -3.40 -3.86
N TYR A 39 10.28 -3.55 -4.27
CA TYR A 39 10.04 -3.84 -5.68
C TYR A 39 10.56 -2.73 -6.59
N LYS A 40 10.41 -1.49 -6.14
CA LYS A 40 11.10 -0.38 -6.77
C LYS A 40 11.27 0.73 -5.74
N PHE A 41 12.28 1.58 -5.94
CA PHE A 41 12.57 2.60 -4.94
C PHE A 41 11.71 3.86 -5.07
N ASP A 42 11.02 4.04 -6.18
CA ASP A 42 10.19 5.24 -6.34
C ASP A 42 8.74 5.07 -5.93
N ASP A 43 8.39 3.90 -5.39
CA ASP A 43 7.05 3.72 -4.84
C ASP A 43 6.95 4.57 -3.58
N ASN A 44 5.98 5.49 -3.54
CA ASN A 44 5.95 6.51 -2.49
C ASN A 44 5.80 5.90 -1.10
N PHE A 45 4.83 5.01 -0.95
CA PHE A 45 4.54 4.43 0.35
C PHE A 45 5.74 3.63 0.86
N LEU A 46 6.30 2.79 0.01
CA LEU A 46 7.41 1.96 0.43
C LEU A 46 8.68 2.77 0.67
N ALA A 47 8.82 3.90 -0.02
CA ALA A 47 9.94 4.79 0.24
C ALA A 47 9.88 5.33 1.66
N GLY A 48 8.67 5.68 2.10
CA GLY A 48 8.48 6.09 3.48
C GLY A 48 8.80 4.97 4.45
N ARG A 50 10.80 2.48 3.97
CA ARG A 50 12.24 2.25 3.92
C ARG A 50 12.97 3.27 4.80
N ASN A 51 12.56 4.53 4.70
CA ASN A 51 13.16 5.55 5.56
C ASN A 51 12.88 5.24 7.04
N ASP A 52 11.66 4.80 7.34
CA ASP A 52 11.32 4.45 8.71
C ASP A 52 12.17 3.30 9.23
N ILE A 54 15.13 2.28 8.29
CA ILE A 54 16.49 2.78 8.46
C ILE A 54 16.63 3.53 9.77
N GLN A 55 15.68 4.42 10.04
CA GLN A 55 15.72 5.24 11.24
C GLN A 55 15.56 4.41 12.52
N ILE A 56 14.59 3.51 12.53
CA ILE A 56 14.36 2.67 13.71
C ILE A 56 15.56 1.78 13.97
N ALA A 57 16.10 1.19 12.92
CA ALA A 57 17.29 0.35 13.07
C ALA A 57 18.42 1.13 13.72
N LYS A 58 18.68 2.34 13.23
CA LYS A 58 19.74 3.17 13.78
C LYS A 58 19.50 3.55 15.24
N GLU A 59 18.26 3.90 15.56
CA GLU A 59 17.93 4.39 16.90
C GLU A 59 17.86 3.28 17.93
N LYS A 60 17.41 2.10 17.51
CA LYS A 60 17.06 1.04 18.47
C LYS A 60 17.84 -0.27 18.32
N TYR A 61 18.40 -0.52 17.14
CA TYR A 61 19.09 -1.80 16.89
C TYR A 61 20.50 -1.63 16.35
N PRO A 62 21.44 -1.21 17.21
CA PRO A 62 22.83 -1.01 16.78
C PRO A 62 23.45 -2.29 16.22
N ASN A 63 22.89 -3.45 16.57
CA ASN A 63 23.44 -4.73 16.12
C ASN A 63 22.82 -5.23 14.81
N ILE A 64 21.87 -4.47 14.27
CA ILE A 64 21.28 -4.85 13.00
C ILE A 64 21.89 -4.07 11.85
N GLU A 65 22.23 -4.79 10.79
CA GLU A 65 22.68 -4.15 9.56
C GLU A 65 21.65 -4.40 8.47
N LEU A 66 21.24 -3.34 7.79
CA LEU A 66 20.29 -3.46 6.69
C LEU A 66 21.01 -3.43 5.36
N LEU A 67 20.75 -4.44 4.53
CA LEU A 67 21.22 -4.44 3.15
C LEU A 67 20.02 -4.19 2.26
N ASN A 68 19.85 -2.95 1.81
CA ASN A 68 18.68 -2.57 1.05
C ASN A 68 18.88 -2.75 -0.46
N ASN A 69 17.86 -3.30 -1.12
CA ASN A 69 17.93 -3.63 -2.54
C ASN A 69 16.75 -3.07 -3.31
N ASP A 70 17.03 -2.51 -4.49
CA ASP A 70 16.01 -2.00 -5.38
C ASP A 70 15.84 -3.00 -6.53
N SER A 71 14.68 -3.65 -6.62
CA SER A 71 14.49 -4.67 -7.64
C SER A 71 14.12 -4.14 -9.03
N GLN A 72 14.03 -2.81 -9.17
CA GLN A 72 13.84 -2.19 -10.50
C GLN A 72 12.56 -2.69 -11.18
N ASN A 73 11.56 -3.02 -10.39
CA ASN A 73 10.32 -3.57 -10.90
C ASN A 73 10.49 -4.79 -11.80
N SER A 74 11.50 -5.60 -11.48
CA SER A 74 11.79 -6.81 -12.24
C SER A 74 11.89 -8.03 -11.32
N GLN A 75 10.99 -9.01 -11.50
CA GLN A 75 11.06 -10.22 -10.69
C GLN A 75 12.35 -11.00 -10.97
N SER A 76 12.88 -10.91 -12.18
N SER A 76 12.85 -10.92 -12.20
CA SER A 76 14.13 -11.61 -12.51
CA SER A 76 14.11 -11.56 -12.54
C SER A 76 15.31 -10.97 -11.79
C SER A 76 15.23 -10.98 -11.68
N ILE A 77 15.30 -9.65 -11.64
CA ILE A 77 16.30 -8.97 -10.86
C ILE A 77 16.17 -9.34 -9.39
N LEU A 78 14.93 -9.37 -8.89
CA LEU A 78 14.70 -9.76 -7.50
C LEU A 78 15.21 -11.18 -7.24
N ASN A 79 14.92 -12.09 -8.15
CA ASN A 79 15.34 -13.47 -7.96
C ASN A 79 16.85 -13.58 -7.82
N ASP A 80 17.56 -12.82 -8.65
CA ASP A 80 19.02 -12.79 -8.57
C ASP A 80 19.49 -12.13 -7.27
N GLN A 81 18.83 -11.06 -6.85
CA GLN A 81 19.17 -10.40 -5.59
C GLN A 81 19.00 -11.34 -4.41
N ILE A 82 17.94 -12.13 -4.42
CA ILE A 82 17.72 -13.12 -3.36
C ILE A 82 18.89 -14.09 -3.28
N GLU A 83 19.36 -14.56 -4.44
CA GLU A 83 20.49 -15.46 -4.48
C GLU A 83 21.76 -14.84 -3.91
N VAL A 84 22.01 -13.59 -4.27
CA VAL A 84 23.16 -12.87 -3.74
C VAL A 84 23.10 -12.77 -2.21
N LEU A 85 21.93 -12.39 -1.69
CA LEU A 85 21.77 -12.25 -0.25
C LEU A 85 21.92 -13.59 0.48
N ILE A 86 21.40 -14.65 -0.11
CA ILE A 86 21.59 -16.00 0.42
C ILE A 86 23.07 -16.33 0.48
N ASN A 87 23.78 -16.07 -0.62
CA ASN A 87 25.20 -16.41 -0.66
C ASN A 87 26.03 -15.58 0.31
N LYS A 88 25.58 -14.36 0.57
CA LYS A 88 26.22 -13.50 1.57
C LYS A 88 25.88 -13.91 3.00
N GLY A 89 24.97 -14.88 3.15
CA GLY A 89 24.62 -15.41 4.45
C GLY A 89 23.88 -14.45 5.36
N VAL A 90 22.99 -13.63 4.80
CA VAL A 90 22.16 -12.77 5.64
C VAL A 90 21.38 -13.63 6.63
N ASN A 91 21.07 -13.06 7.80
CA ASN A 91 20.37 -13.82 8.82
C ASN A 91 18.90 -14.01 8.50
N VAL A 92 18.30 -13.01 7.87
CA VAL A 92 16.89 -13.06 7.49
C VAL A 92 16.71 -12.39 6.14
N LEU A 93 15.95 -13.03 5.25
CA LEU A 93 15.48 -12.40 4.02
C LEU A 93 14.20 -11.63 4.30
N VAL A 94 14.15 -10.37 3.86
CA VAL A 94 12.99 -9.53 4.06
C VAL A 94 12.56 -9.05 2.67
N ILE A 95 11.55 -9.70 2.13
CA ILE A 95 11.30 -9.63 0.69
C ILE A 95 9.97 -8.98 0.32
N ASN A 96 10.05 -8.01 -0.60
CA ASN A 96 8.89 -7.40 -1.24
C ASN A 96 8.77 -7.95 -2.66
N LEU A 97 7.75 -8.76 -2.93
CA LEU A 97 7.60 -9.33 -4.27
C LEU A 97 7.53 -8.25 -5.35
N VAL A 98 8.10 -8.54 -6.51
CA VAL A 98 7.82 -7.72 -7.69
C VAL A 98 6.52 -8.22 -8.33
N ASP A 99 6.55 -9.46 -8.81
CA ASP A 99 5.36 -10.15 -9.29
C ASP A 99 4.57 -10.59 -8.05
N PRO A 100 3.38 -10.02 -7.84
CA PRO A 100 2.64 -10.32 -6.62
C PRO A 100 2.12 -11.76 -6.56
N THR A 101 2.28 -12.52 -7.64
CA THR A 101 1.90 -13.93 -7.65
C THR A 101 3.08 -14.87 -7.45
N ALA A 102 4.28 -14.33 -7.28
CA ALA A 102 5.50 -15.15 -7.25
C ALA A 102 5.92 -15.59 -5.84
N GLY A 103 5.03 -15.46 -4.86
CA GLY A 103 5.34 -15.79 -3.48
C GLY A 103 5.88 -17.19 -3.25
N GLN A 104 5.24 -18.19 -3.85
CA GLN A 104 5.69 -19.56 -3.67
C GLN A 104 7.14 -19.75 -4.13
N SER A 105 7.48 -19.21 -5.29
CA SER A 105 8.84 -19.37 -5.81
C SER A 105 9.88 -18.73 -4.89
N VAL A 106 9.55 -17.56 -4.35
CA VAL A 106 10.46 -16.86 -3.45
C VAL A 106 10.63 -17.63 -2.13
N ILE A 107 9.52 -18.13 -1.59
CA ILE A 107 9.59 -18.90 -0.37
C ILE A 107 10.38 -20.19 -0.58
N ASP A 108 10.18 -20.81 -1.75
CA ASP A 108 10.94 -22.01 -2.10
C ASP A 108 12.45 -21.75 -2.09
N LYS A 109 12.87 -20.59 -2.58
CA LYS A 109 14.29 -20.22 -2.56
C LYS A 109 14.83 -20.09 -1.14
N ALA A 110 14.06 -19.45 -0.28
CA ALA A 110 14.45 -19.29 1.12
C ALA A 110 14.56 -20.66 1.79
N LYS A 111 13.57 -21.51 1.54
CA LYS A 111 13.57 -22.84 2.13
C LYS A 111 14.77 -23.67 1.66
N ALA A 112 15.08 -23.60 0.36
CA ALA A 112 16.21 -24.34 -0.18
C ALA A 112 17.53 -23.83 0.40
N ALA A 113 17.54 -22.56 0.79
CA ALA A 113 18.72 -21.96 1.40
C ALA A 113 18.78 -22.14 2.92
N ASN A 114 17.68 -22.59 3.51
CA ASN A 114 17.61 -22.73 4.96
C ASN A 114 17.79 -21.38 5.68
N ILE A 115 17.29 -20.30 5.07
CA ILE A 115 17.30 -19.00 5.71
C ILE A 115 15.86 -18.56 5.95
N PRO A 116 15.58 -17.94 7.11
CA PRO A 116 14.20 -17.50 7.35
C PRO A 116 13.82 -16.35 6.44
N ILE A 117 12.52 -16.24 6.16
CA ILE A 117 12.03 -15.17 5.32
C ILE A 117 10.80 -14.47 5.92
N ILE A 118 10.86 -13.15 5.95
CA ILE A 118 9.69 -12.33 6.20
C ILE A 118 9.33 -11.65 4.90
N LEU A 119 8.19 -12.02 4.31
CA LEU A 119 7.72 -11.25 3.16
C LEU A 119 6.92 -10.07 3.67
N PHE A 120 6.90 -8.98 2.92
CA PHE A 120 6.15 -7.82 3.39
C PHE A 120 5.44 -7.11 2.25
N ASN A 121 4.31 -6.50 2.58
CA ASN A 121 3.54 -5.60 1.72
C ASN A 121 2.77 -6.25 0.57
N LYS A 122 3.38 -7.17 -0.17
CA LYS A 122 2.65 -7.95 -1.16
C LYS A 122 2.45 -9.37 -0.62
N ASP A 123 1.19 -9.69 -0.31
CA ASP A 123 0.86 -10.87 0.48
C ASP A 123 0.88 -12.12 -0.41
N PRO A 124 1.73 -13.12 -0.07
CA PRO A 124 1.87 -14.32 -0.90
C PRO A 124 0.77 -15.34 -0.63
N GLY A 125 -0.07 -15.12 0.38
CA GLY A 125 -1.16 -16.03 0.69
C GLY A 125 -0.78 -17.12 1.68
N VAL A 126 -1.79 -17.75 2.27
CA VAL A 126 -1.56 -18.71 3.35
C VAL A 126 -0.90 -20.01 2.92
N ASP A 127 -1.27 -20.52 1.75
CA ASP A 127 -0.67 -21.77 1.29
C ASP A 127 0.85 -21.64 1.15
N ALA A 128 1.29 -20.54 0.54
CA ALA A 128 2.72 -20.29 0.38
C ALA A 128 3.40 -20.12 1.74
N LEU A 129 2.83 -19.31 2.63
CA LEU A 129 3.40 -19.15 3.96
C LEU A 129 3.48 -20.48 4.71
N ASN A 130 2.44 -21.30 4.57
CA ASN A 130 2.40 -22.57 5.27
C ASN A 130 3.34 -23.63 4.73
N SER A 131 3.98 -23.34 3.59
CA SER A 131 4.86 -24.33 2.96
C SER A 131 6.28 -24.34 3.55
N TYR A 132 6.57 -23.40 4.44
CA TYR A 132 7.90 -23.25 5.03
C TYR A 132 7.78 -22.88 6.50
N ASP A 133 8.39 -23.67 7.37
CA ASP A 133 8.30 -23.43 8.82
C ASP A 133 9.00 -22.15 9.24
N LYS A 134 9.82 -21.58 8.35
CA LYS A 134 10.51 -20.32 8.68
C LYS A 134 10.09 -19.16 7.78
N ALA A 135 8.81 -19.16 7.37
CA ALA A 135 8.25 -18.03 6.61
C ALA A 135 7.19 -17.29 7.43
N TRP A 136 7.24 -15.97 7.34
CA TRP A 136 6.25 -15.11 7.98
C TRP A 136 5.93 -13.93 7.07
N TYR A 137 4.87 -13.18 7.42
CA TYR A 137 4.44 -12.04 6.61
C TYR A 137 4.11 -10.84 7.49
N VAL A 138 4.50 -9.65 7.03
CA VAL A 138 4.04 -8.41 7.65
C VAL A 138 3.32 -7.57 6.61
N GLY A 139 2.09 -7.17 6.93
CA GLY A 139 1.34 -6.32 6.03
C GLY A 139 0.07 -5.80 6.67
N THR A 140 -1.03 -5.91 5.94
CA THR A 140 -2.30 -5.34 6.35
C THR A 140 -3.45 -6.21 5.86
N THR A 141 -4.65 -5.84 6.31
CA THR A 141 -5.89 -6.43 5.84
C THR A 141 -6.57 -5.34 4.99
N PRO A 142 -6.33 -5.36 3.67
CA PRO A 142 -6.78 -4.21 2.86
C PRO A 142 -8.29 -4.03 2.78
N LYS A 143 -9.07 -5.07 3.03
CA LYS A 143 -10.51 -4.89 3.14
C LYS A 143 -10.82 -3.74 4.09
N ASP A 144 -10.09 -3.67 5.20
CA ASP A 144 -10.35 -2.64 6.19
C ASP A 144 -10.08 -1.25 5.63
N SER A 145 -9.09 -1.13 4.77
CA SER A 145 -8.79 0.16 4.14
C SER A 145 -9.84 0.54 3.11
N GLY A 146 -10.43 -0.44 2.42
CA GLY A 146 -11.51 -0.16 1.49
C GLY A 146 -12.73 0.39 2.21
N ILE A 147 -13.08 -0.27 3.32
CA ILE A 147 -14.18 0.20 4.16
C ILE A 147 -13.94 1.61 4.68
N LEU A 148 -12.73 1.85 5.20
CA LEU A 148 -12.42 3.19 5.71
C LEU A 148 -12.48 4.23 4.60
N GLN A 149 -12.01 3.89 3.40
CA GLN A 149 -12.08 4.83 2.30
C GLN A 149 -13.53 5.13 1.96
N GLY A 150 -14.37 4.10 1.95
CA GLY A 150 -15.79 4.28 1.76
C GLY A 150 -16.40 5.22 2.79
N GLN A 151 -15.99 5.07 4.05
CA GLN A 151 -16.50 5.92 5.12
C GLN A 151 -16.07 7.38 4.92
N VAL A 152 -14.83 7.58 4.51
CA VAL A 152 -14.31 8.91 4.25
C VAL A 152 -15.07 9.56 3.09
N ILE A 153 -15.32 8.78 2.03
CA ILE A 153 -16.08 9.29 0.90
C ILE A 153 -17.52 9.60 1.30
N GLU A 154 -18.15 8.71 2.06
CA GLU A 154 -19.52 8.92 2.49
C GLU A 154 -19.68 10.24 3.25
N LYS A 155 -18.79 10.48 4.20
CA LYS A 155 -18.86 11.70 5.01
C LYS A 155 -18.74 12.95 4.13
N ALA A 156 -17.78 12.95 3.20
CA ALA A 156 -17.57 14.11 2.35
C ALA A 156 -18.74 14.31 1.38
N TRP A 157 -19.23 13.22 0.81
CA TRP A 157 -20.35 13.26 -0.12
C TRP A 157 -21.59 13.85 0.55
N LEU A 158 -21.89 13.39 1.75
CA LEU A 158 -23.08 13.86 2.46
C LEU A 158 -22.95 15.33 2.87
N ALA A 159 -21.72 15.76 3.14
CA ALA A 159 -21.47 17.12 3.58
C ALA A 159 -21.42 18.12 2.41
N ASN A 160 -21.33 17.60 1.19
CA ASN A 160 -21.16 18.43 -0.01
C ASN A 160 -22.12 18.06 -1.13
N PRO A 161 -23.39 18.50 -1.04
CA PRO A 161 -24.36 18.23 -2.10
C PRO A 161 -23.89 18.69 -3.48
N ALA A 162 -23.05 19.71 -3.52
CA ALA A 162 -22.54 20.21 -4.80
C ALA A 162 -21.73 19.17 -5.57
N TYR A 163 -21.22 18.16 -4.87
CA TYR A 163 -20.44 17.11 -5.54
C TYR A 163 -21.31 16.35 -6.55
N ASP A 164 -22.61 16.27 -6.26
CA ASP A 164 -23.54 15.54 -7.10
C ASP A 164 -23.94 16.38 -8.30
N LEU A 165 -23.03 16.49 -9.26
CA LEU A 165 -23.18 17.43 -10.36
C LEU A 165 -24.48 17.29 -11.13
N ASN A 166 -24.90 16.05 -11.40
CA ASN A 166 -26.13 15.86 -12.17
C ASN A 166 -27.38 15.74 -11.32
N GLY A 167 -27.21 15.80 -10.00
CA GLY A 167 -28.32 15.83 -9.07
C GLY A 167 -29.12 14.54 -8.93
N ASP A 168 -28.56 13.42 -9.39
CA ASP A 168 -29.31 12.17 -9.41
C ASP A 168 -29.21 11.33 -8.13
N GLY A 169 -28.41 11.79 -7.17
CA GLY A 169 -28.22 11.08 -5.92
C GLY A 169 -27.20 9.96 -6.00
N VAL A 170 -26.68 9.72 -7.20
CA VAL A 170 -25.73 8.64 -7.47
C VAL A 170 -24.32 9.21 -7.57
N ILE A 171 -23.33 8.52 -7.04
CA ILE A 171 -21.95 8.97 -7.22
C ILE A 171 -21.42 8.43 -8.55
N GLN A 172 -21.24 9.32 -9.53
CA GLN A 172 -20.56 8.97 -10.77
C GLN A 172 -19.06 9.09 -10.52
N TYR A 173 -18.35 7.97 -10.55
CA TYR A 173 -16.93 7.98 -10.18
C TYR A 173 -16.05 7.35 -11.25
N VAL A 174 -14.76 7.64 -11.13
CA VAL A 174 -13.74 6.86 -11.82
C VAL A 174 -12.86 6.19 -10.78
N LEU A 176 -9.13 4.46 -10.04
CA LEU A 176 -7.75 4.19 -10.39
C LEU A 176 -7.27 2.95 -9.64
N PHE A 177 -7.19 1.85 -10.37
CA PHE A 177 -6.81 0.55 -9.83
C PHE A 177 -5.28 0.44 -9.74
N GLY A 178 -4.80 -0.23 -8.70
CA GLY A 178 -3.38 -0.41 -8.51
C GLY A 178 -2.77 -1.50 -9.38
N GLU A 179 -2.27 -2.55 -8.73
CA GLU A 179 -1.47 -3.58 -9.36
C GLU A 179 -2.28 -4.87 -9.41
N PRO A 180 -2.52 -5.41 -10.62
CA PRO A 180 -3.23 -6.69 -10.73
C PRO A 180 -2.52 -7.77 -9.91
N GLY A 181 -3.27 -8.54 -9.14
CA GLY A 181 -2.70 -9.62 -8.36
C GLY A 181 -2.16 -9.23 -7.00
N GLN A 182 -2.09 -7.93 -6.73
CA GLN A 182 -1.70 -7.46 -5.40
C GLN A 182 -3.01 -7.22 -4.65
N PRO A 183 -3.30 -8.05 -3.63
CA PRO A 183 -4.63 -8.02 -3.01
C PRO A 183 -5.08 -6.65 -2.48
N ASP A 184 -4.15 -5.76 -2.18
CA ASP A 184 -4.54 -4.43 -1.71
C ASP A 184 -5.40 -3.69 -2.75
N ALA A 185 -5.07 -3.88 -4.03
CA ALA A 185 -5.80 -3.22 -5.10
C ALA A 185 -7.25 -3.72 -5.23
N GLU A 186 -7.43 -5.02 -5.39
CA GLU A 186 -8.79 -5.53 -5.53
C GLU A 186 -9.63 -5.26 -4.28
N ALA A 187 -9.04 -5.38 -3.09
CA ALA A 187 -9.81 -5.14 -1.88
C ALA A 187 -10.26 -3.68 -1.75
N ARG A 188 -9.37 -2.74 -2.04
CA ARG A 188 -9.76 -1.35 -1.94
C ARG A 188 -10.79 -0.97 -3.00
N THR A 189 -10.66 -1.58 -4.18
CA THR A 189 -11.60 -1.35 -5.26
C THR A 189 -12.99 -1.88 -4.91
N LYS A 190 -13.03 -3.11 -4.39
CA LYS A 190 -14.28 -3.79 -4.05
C LYS A 190 -14.97 -3.17 -2.85
N TYR A 191 -14.24 -3.00 -1.75
CA TYR A 191 -14.87 -2.68 -0.48
C TYR A 191 -15.23 -1.20 -0.28
N SER A 192 -14.53 -0.29 -0.96
CA SER A 192 -14.92 1.12 -0.92
C SER A 192 -16.33 1.27 -1.49
N ILE A 193 -16.53 0.74 -2.69
CA ILE A 193 -17.82 0.80 -3.36
C ILE A 193 -18.89 -0.02 -2.63
N GLU A 194 -18.54 -1.22 -2.18
CA GLU A 194 -19.51 -2.04 -1.46
C GLU A 194 -19.98 -1.33 -0.19
N TYR A 195 -19.08 -0.66 0.51
CA TYR A 195 -19.49 0.09 1.70
C TYR A 195 -20.52 1.16 1.36
N LEU A 196 -20.22 1.95 0.33
CA LEU A 196 -21.12 3.01 -0.07
C LEU A 196 -22.50 2.44 -0.40
N ASN A 197 -22.53 1.39 -1.20
CA ASN A 197 -23.81 0.77 -1.58
C ASN A 197 -24.55 0.23 -0.35
N GLU A 198 -23.80 -0.34 0.59
CA GLU A 198 -24.38 -0.94 1.80
C GLU A 198 -25.07 0.11 2.65
N LYS A 199 -24.61 1.36 2.53
CA LYS A 199 -25.19 2.47 3.28
C LYS A 199 -26.26 3.20 2.47
N GLY A 200 -26.69 2.60 1.36
CA GLY A 200 -27.74 3.16 0.55
C GLY A 200 -27.29 4.35 -0.28
N ILE A 201 -26.01 4.36 -0.66
CA ILE A 201 -25.53 5.36 -1.61
C ILE A 201 -25.22 4.67 -2.93
N LYS A 202 -26.03 4.99 -3.94
CA LYS A 202 -25.85 4.44 -5.27
C LYS A 202 -24.59 4.98 -5.91
N THR A 203 -23.93 4.15 -6.71
CA THR A 203 -22.70 4.53 -7.39
C THR A 203 -22.77 4.10 -8.85
N GLU A 204 -22.04 4.80 -9.71
CA GLU A 204 -21.93 4.44 -11.12
C GLU A 204 -20.49 4.59 -11.60
N GLU A 205 -19.89 3.48 -12.01
CA GLU A 205 -18.52 3.46 -12.47
C GLU A 205 -18.44 3.94 -13.91
N LEU A 206 -17.84 5.12 -14.13
CA LEU A 206 -17.68 5.65 -15.47
C LEU A 206 -16.44 5.08 -16.15
N HIS A 207 -15.38 4.91 -15.37
CA HIS A 207 -14.14 4.33 -15.88
C HIS A 207 -13.43 3.62 -14.74
N LYS A 208 -12.70 2.57 -15.08
CA LYS A 208 -11.79 1.92 -14.13
C LYS A 208 -10.60 1.44 -14.93
N ASP A 209 -9.40 1.89 -14.57
CA ASP A 209 -8.22 1.40 -15.27
C ASP A 209 -7.03 1.27 -14.35
N ILE A 210 -6.04 0.54 -14.84
CA ILE A 210 -4.86 0.18 -14.07
C ILE A 210 -3.75 1.22 -14.18
N ALA A 211 -3.23 1.66 -13.04
CA ALA A 211 -2.09 2.58 -13.06
C ALA A 211 -0.97 2.18 -12.12
N ASN A 212 -1.06 0.97 -11.57
CA ASN A 212 0.11 0.31 -10.97
C ASN A 212 0.79 1.08 -9.84
N TRP A 213 -0.02 1.76 -9.03
CA TRP A 213 0.43 2.54 -7.86
C TRP A 213 1.15 3.82 -8.22
N ASP A 214 1.26 4.13 -9.51
CA ASP A 214 2.20 5.16 -9.98
C ASP A 214 1.54 6.49 -10.35
N ALA A 215 2.11 7.59 -9.88
CA ALA A 215 1.55 8.92 -10.14
C ALA A 215 1.51 9.27 -11.63
N ALA A 216 2.63 9.07 -12.33
CA ALA A 216 2.68 9.43 -13.74
C ALA A 216 1.71 8.60 -14.58
N GLN A 217 1.60 7.31 -14.30
CA GLN A 217 0.64 6.48 -15.02
C GLN A 217 -0.78 6.95 -14.76
N ALA A 218 -1.05 7.32 -13.51
CA ALA A 218 -2.38 7.80 -13.14
C ALA A 218 -2.70 9.14 -13.81
N LYS A 219 -1.70 10.01 -13.90
CA LYS A 219 -1.87 11.29 -14.56
C LYS A 219 -2.25 11.09 -16.03
N ASP A 220 -1.60 10.14 -16.68
CA ASP A 220 -1.89 9.86 -18.08
C ASP A 220 -3.33 9.34 -18.24
N LYS A 221 -3.74 8.41 -17.36
CA LYS A 221 -5.11 7.89 -17.39
C LYS A 221 -6.12 9.01 -17.15
N ASP A 223 -5.77 12.21 -17.61
CA ASP A 223 -5.79 13.11 -18.77
C ASP A 223 -6.66 12.54 -19.89
N ALA A 224 -6.56 11.24 -20.12
CA ALA A 224 -7.42 10.60 -21.11
C ALA A 224 -8.89 10.76 -20.71
N TRP A 225 -9.20 10.50 -19.45
CA TRP A 225 -10.58 10.60 -18.98
C TRP A 225 -11.12 12.03 -19.06
N LEU A 226 -10.30 13.00 -18.67
CA LEU A 226 -10.73 14.40 -18.65
C LEU A 226 -10.79 15.03 -20.03
N SER A 227 -10.13 14.41 -21.00
CA SER A 227 -10.15 14.91 -22.37
C SER A 227 -11.19 14.22 -23.25
N GLY A 228 -11.87 13.22 -22.68
CA GLY A 228 -12.91 12.51 -23.40
C GLY A 228 -14.19 13.33 -23.51
N PRO A 229 -15.04 13.00 -24.50
CA PRO A 229 -16.28 13.75 -24.74
C PRO A 229 -17.22 13.78 -23.55
N ASN A 230 -17.10 12.79 -22.66
CA ASN A 230 -18.03 12.65 -21.55
C ASN A 230 -17.38 12.95 -20.20
N ALA A 231 -16.24 13.62 -20.24
CA ALA A 231 -15.49 13.98 -19.05
C ALA A 231 -16.36 14.65 -18.00
N ASN A 232 -17.33 15.43 -18.47
CA ASN A 232 -18.17 16.22 -17.60
C ASN A 232 -18.98 15.41 -16.60
N LYS A 233 -19.19 14.13 -16.90
CA LYS A 233 -19.98 13.27 -16.02
C LYS A 233 -19.30 12.91 -14.71
N ILE A 234 -17.97 13.01 -14.69
CA ILE A 234 -17.20 12.55 -13.53
C ILE A 234 -17.45 13.44 -12.30
N GLU A 235 -17.86 12.81 -11.19
CA GLU A 235 -18.13 13.55 -9.95
C GLU A 235 -17.09 13.29 -8.86
N VAL A 236 -16.57 12.07 -8.81
CA VAL A 236 -15.65 11.67 -7.74
C VAL A 236 -14.53 10.83 -8.31
N VAL A 237 -13.30 11.09 -7.86
CA VAL A 237 -12.14 10.29 -8.24
C VAL A 237 -11.69 9.43 -7.05
N ILE A 238 -11.70 8.11 -7.22
CA ILE A 238 -11.26 7.19 -6.18
C ILE A 238 -10.01 6.45 -6.66
N ALA A 239 -8.95 6.46 -5.85
CA ALA A 239 -7.70 5.79 -6.21
C ALA A 239 -7.34 4.77 -5.13
N ASN A 240 -6.79 3.63 -5.55
CA ASN A 240 -6.39 2.61 -4.58
C ASN A 240 -5.16 3.03 -3.76
N ASN A 241 -4.45 4.07 -4.19
CA ASN A 241 -3.39 4.63 -3.32
C ASN A 241 -3.20 6.13 -3.54
N ASP A 242 -2.41 6.74 -2.67
CA ASP A 242 -2.14 8.17 -2.76
C ASP A 242 -1.29 8.50 -3.98
N GLY A 243 -0.32 7.64 -4.31
CA GLY A 243 0.53 7.91 -5.44
C GLY A 243 -0.28 8.18 -6.70
N ALA A 245 -3.46 9.04 -6.75
CA ALA A 245 -4.22 10.27 -6.48
C ALA A 245 -3.39 11.51 -6.80
N LEU A 246 -2.08 11.48 -6.54
CA LEU A 246 -1.24 12.65 -6.84
C LEU A 246 -1.29 12.97 -8.32
N GLY A 247 -1.19 11.93 -9.14
CA GLY A 247 -1.25 12.10 -10.58
C GLY A 247 -2.60 12.61 -11.02
N ALA A 248 -3.68 12.07 -10.46
CA ALA A 248 -5.02 12.55 -10.78
C ALA A 248 -5.17 14.04 -10.48
N VAL A 249 -4.63 14.47 -9.35
CA VAL A 249 -4.70 15.87 -8.95
C VAL A 249 -3.98 16.77 -9.95
N GLU A 250 -2.82 16.33 -10.44
CA GLU A 250 -2.12 17.11 -11.44
C GLU A 250 -2.98 17.31 -12.69
N SER A 251 -3.64 16.23 -13.10
N SER A 251 -3.63 16.24 -13.12
CA SER A 251 -4.48 16.24 -14.28
CA SER A 251 -4.49 16.30 -14.31
C SER A 251 -5.68 17.18 -14.12
C SER A 251 -5.65 17.26 -14.09
N ILE A 252 -6.32 17.10 -12.96
CA ILE A 252 -7.47 17.93 -12.64
C ILE A 252 -7.09 19.42 -12.58
N LYS A 253 -5.94 19.71 -11.99
CA LYS A 253 -5.49 21.09 -11.87
C LYS A 253 -5.24 21.70 -13.24
N ALA A 254 -4.66 20.91 -14.15
CA ALA A 254 -4.31 21.42 -15.47
C ALA A 254 -5.55 21.94 -16.21
N VAL A 255 -6.67 21.24 -16.07
CA VAL A 255 -7.89 21.66 -16.75
C VAL A 255 -8.78 22.55 -15.88
N LYS A 256 -8.25 22.98 -14.74
CA LYS A 256 -8.92 23.94 -13.87
C LYS A 256 -10.28 23.45 -13.41
N LYS A 257 -10.34 22.17 -13.07
CA LYS A 257 -11.56 21.62 -12.52
C LYS A 257 -11.45 21.42 -11.03
N GLU A 258 -12.59 21.27 -10.38
CA GLU A 258 -12.63 20.95 -8.97
C GLU A 258 -13.38 19.64 -8.84
N LEU A 259 -12.62 18.60 -8.50
CA LEU A 259 -13.19 17.27 -8.29
C LEU A 259 -12.64 16.73 -7.01
N PRO A 260 -13.50 16.09 -6.21
CA PRO A 260 -13.01 15.48 -4.96
C PRO A 260 -12.23 14.19 -5.25
N VAL A 261 -11.02 14.10 -4.70
CA VAL A 261 -10.12 12.98 -4.95
C VAL A 261 -9.83 12.26 -3.63
N PHE A 262 -9.88 10.94 -3.66
CA PHE A 262 -9.64 10.12 -2.48
C PHE A 262 -8.54 9.09 -2.76
N GLY A 263 -7.65 8.89 -1.79
CA GLY A 263 -6.59 7.91 -1.91
C GLY A 263 -6.51 6.97 -0.72
N VAL A 264 -5.38 6.26 -0.64
CA VAL A 264 -5.03 5.42 0.52
C VAL A 264 -3.52 5.51 0.70
N ASP A 265 -3.11 5.72 1.96
CA ASP A 265 -1.73 5.58 2.50
C ASP A 265 -1.43 6.69 3.50
N ALA A 266 -1.99 7.88 3.25
CA ALA A 266 -1.63 9.11 3.96
C ALA A 266 -0.13 9.43 3.85
N ILE A 267 0.43 9.29 2.67
CA ILE A 267 1.80 9.78 2.48
C ILE A 267 1.79 11.30 2.66
N GLN A 268 2.94 11.86 3.02
CA GLN A 268 2.99 13.29 3.34
C GLN A 268 2.50 14.18 2.20
N GLU A 269 2.81 13.79 0.96
CA GLU A 269 2.39 14.58 -0.20
C GLU A 269 0.86 14.67 -0.27
N ALA A 270 0.17 13.58 0.07
CA ALA A 270 -1.28 13.57 0.08
C ALA A 270 -1.85 14.40 1.21
N LEU A 271 -1.22 14.34 2.39
CA LEU A 271 -1.67 15.17 3.50
C LEU A 271 -1.55 16.65 3.14
N THR A 272 -0.49 16.99 2.41
CA THR A 272 -0.30 18.36 1.96
C THR A 272 -1.40 18.76 0.96
N LEU A 273 -1.79 17.84 0.09
CA LEU A 273 -2.88 18.14 -0.82
C LEU A 273 -4.19 18.33 -0.07
N ILE A 274 -4.40 17.58 0.99
CA ILE A 274 -5.60 17.80 1.81
C ILE A 274 -5.54 19.17 2.45
N GLU A 275 -4.38 19.54 2.99
CA GLU A 275 -4.15 20.86 3.57
C GLU A 275 -4.48 21.97 2.57
N LYS A 276 -4.15 21.73 1.31
CA LYS A 276 -4.33 22.73 0.25
C LYS A 276 -5.71 22.66 -0.40
N GLY A 277 -6.53 21.71 0.05
CA GLY A 277 -7.86 21.55 -0.49
C GLY A 277 -7.90 20.92 -1.87
N GLU A 278 -6.84 20.23 -2.25
CA GLU A 278 -6.71 19.61 -3.57
C GLU A 278 -7.01 18.10 -3.55
N VAL A 280 -9.47 15.34 -0.94
CA VAL A 280 -10.50 15.38 0.09
C VAL A 280 -10.26 14.37 1.20
N GLY A 281 -9.69 13.21 0.88
CA GLY A 281 -9.51 12.21 1.92
C GLY A 281 -8.55 11.11 1.53
N THR A 282 -8.09 10.39 2.55
CA THR A 282 -7.25 9.25 2.34
C THR A 282 -7.40 8.32 3.53
N VAL A 283 -6.51 7.33 3.65
CA VAL A 283 -6.57 6.37 4.74
C VAL A 283 -5.13 6.09 5.12
N LEU A 284 -4.75 6.43 6.35
CA LEU A 284 -3.38 6.19 6.80
C LEU A 284 -3.08 4.70 6.74
N GLN A 285 -2.00 4.36 6.04
CA GLN A 285 -1.40 3.05 6.14
C GLN A 285 -0.15 3.23 6.98
N ASP A 286 -0.01 2.42 8.01
CA ASP A 286 0.99 2.62 9.04
C ASP A 286 2.34 2.00 8.65
N ALA A 287 3.12 2.78 7.90
CA ALA A 287 4.42 2.34 7.43
C ALA A 287 5.40 2.15 8.59
N THR A 288 5.31 3.03 9.58
CA THR A 288 6.22 2.98 10.72
C THR A 288 5.99 1.68 11.51
N GLY A 289 4.73 1.35 11.76
CA GLY A 289 4.39 0.14 12.47
C GLY A 289 4.82 -1.11 11.72
N GLN A 290 4.62 -1.11 10.41
CA GLN A 290 5.07 -2.25 9.61
C GLN A 290 6.59 -2.40 9.63
N ALA A 291 7.30 -1.28 9.53
CA ALA A 291 8.76 -1.33 9.59
C ALA A 291 9.22 -1.84 10.96
N ARG A 292 8.59 -1.35 12.01
CA ARG A 292 8.90 -1.78 13.37
C ARG A 292 8.65 -3.28 13.56
N ALA A 293 7.52 -3.76 13.06
CA ALA A 293 7.19 -5.18 13.15
C ALA A 293 8.24 -6.03 12.44
N ILE A 294 8.65 -5.60 11.26
CA ILE A 294 9.66 -6.34 10.54
C ILE A 294 10.96 -6.44 11.34
N LEU A 295 11.41 -5.31 11.88
CA LEU A 295 12.64 -5.32 12.67
C LEU A 295 12.53 -6.18 13.93
N GLU A 296 11.43 -6.03 14.66
CA GLU A 296 11.24 -6.77 15.91
C GLU A 296 11.13 -8.28 15.67
N LEU A 297 10.36 -8.67 14.66
CA LEU A 297 10.24 -10.07 14.30
C LEU A 297 11.58 -10.63 13.80
N ALA A 298 12.26 -9.88 12.94
CA ALA A 298 13.53 -10.35 12.40
C ALA A 298 14.57 -10.54 13.51
N ASN A 299 14.61 -9.61 14.45
CA ASN A 299 15.52 -9.69 15.58
C ASN A 299 15.29 -10.98 16.37
N ASN A 300 14.03 -11.30 16.62
CA ASN A 300 13.70 -12.52 17.33
C ASN A 300 14.05 -13.77 16.51
N ILE A 301 13.61 -13.77 15.25
CA ILE A 301 13.84 -14.91 14.36
C ILE A 301 15.33 -15.23 14.23
N ALA A 302 16.15 -14.19 14.14
CA ALA A 302 17.59 -14.39 13.99
C ALA A 302 18.23 -14.92 15.26
N ASN A 303 17.54 -14.74 16.39
CA ASN A 303 18.09 -15.08 17.69
C ASN A 303 17.40 -16.26 18.37
N GLY A 304 16.68 -17.07 17.60
CA GLY A 304 16.05 -18.27 18.13
C GLY A 304 14.92 -17.98 19.10
N LYS A 305 14.22 -16.88 18.89
CA LYS A 305 13.07 -16.54 19.73
C LYS A 305 11.80 -16.51 18.90
N GLU A 306 10.67 -16.83 19.52
CA GLU A 306 9.37 -16.74 18.86
C GLU A 306 9.26 -15.33 18.29
N PRO A 307 8.78 -15.20 17.04
CA PRO A 307 8.94 -13.91 16.35
C PRO A 307 8.32 -12.72 17.07
N THR A 308 7.27 -12.93 17.85
CA THR A 308 6.57 -11.82 18.49
C THR A 308 6.98 -11.61 19.93
N GLU A 309 7.97 -12.37 20.41
CA GLU A 309 8.37 -12.28 21.80
C GLU A 309 8.81 -10.87 22.20
N GLY A 310 8.24 -10.36 23.30
CA GLY A 310 8.53 -9.03 23.78
C GLY A 310 7.93 -7.91 22.96
N THR A 311 7.04 -8.25 22.03
CA THR A 311 6.44 -7.25 21.16
C THR A 311 4.94 -7.14 21.36
N GLU A 312 4.34 -6.17 20.69
CA GLU A 312 2.90 -5.94 20.75
C GLU A 312 2.14 -6.79 19.72
N TRP A 313 2.87 -7.47 18.84
CA TRP A 313 2.26 -8.07 17.66
C TRP A 313 1.66 -9.44 17.89
N LYS A 314 0.62 -9.74 17.12
CA LYS A 314 0.03 -11.07 17.08
C LYS A 314 0.18 -11.61 15.67
N LEU A 315 0.66 -12.85 15.55
CA LEU A 315 0.67 -13.52 14.26
C LEU A 315 -0.65 -14.27 14.09
N ILE A 316 -1.41 -13.92 13.05
CA ILE A 316 -2.59 -14.69 12.69
C ILE A 316 -2.28 -15.34 11.35
N ASP A 317 -2.30 -16.67 11.31
CA ASP A 317 -1.91 -17.39 10.10
C ASP A 317 -0.54 -16.90 9.60
N LYS A 318 0.39 -16.74 10.53
CA LYS A 318 1.79 -16.39 10.24
C LYS A 318 1.97 -14.95 9.76
N ALA A 319 0.96 -14.11 9.95
CA ALA A 319 1.05 -12.73 9.48
C ALA A 319 0.71 -11.70 10.55
N VAL A 320 1.43 -10.58 10.50
CA VAL A 320 1.05 -9.40 11.25
C VAL A 320 0.21 -8.50 10.33
N ARG A 321 -0.94 -8.07 10.83
CA ARG A 321 -1.84 -7.19 10.08
C ARG A 321 -1.95 -5.85 10.80
N VAL A 322 -1.31 -4.83 10.24
CA VAL A 322 -1.27 -3.53 10.91
C VAL A 322 -2.45 -2.65 10.45
N PRO A 323 -3.27 -2.17 11.41
CA PRO A 323 -4.49 -1.44 11.06
C PRO A 323 -4.26 -0.08 10.39
N TYR A 324 -5.31 0.39 9.73
CA TYR A 324 -5.36 1.65 9.04
C TYR A 324 -6.19 2.67 9.82
N VAL A 325 -6.16 3.92 9.38
CA VAL A 325 -6.91 5.01 10.02
C VAL A 325 -7.46 5.96 8.96
N GLY A 326 -8.77 6.25 9.01
CA GLY A 326 -9.35 7.16 8.03
C GLY A 326 -8.85 8.59 8.23
N VAL A 327 -8.62 9.29 7.12
CA VAL A 327 -8.07 10.65 7.18
C VAL A 327 -8.82 11.61 6.26
N ASP A 328 -9.19 12.77 6.80
CA ASP A 328 -9.80 13.81 5.99
C ASP A 328 -9.43 15.18 6.55
N LYS A 329 -10.16 16.22 6.13
CA LYS A 329 -9.80 17.58 6.51
C LYS A 329 -9.81 17.80 8.03
N ASP A 330 -10.56 16.97 8.74
CA ASP A 330 -10.76 17.18 10.17
C ASP A 330 -9.68 16.58 11.05
N ASN A 331 -8.86 15.67 10.51
CA ASN A 331 -7.82 15.05 11.33
C ASN A 331 -6.44 14.92 10.66
N TYR A 332 -6.29 15.42 9.44
CA TYR A 332 -5.05 15.18 8.69
C TYR A 332 -3.82 15.75 9.40
N LYS A 333 -3.99 16.83 10.17
CA LYS A 333 -2.86 17.48 10.84
C LYS A 333 -2.13 16.54 11.78
N GLU A 334 -2.86 15.59 12.35
CA GLU A 334 -2.29 14.65 13.32
C GLU A 334 -1.21 13.76 12.71
N PHE A 335 -1.20 13.65 11.39
CA PHE A 335 -0.35 12.68 10.73
C PHE A 335 0.78 13.31 9.92
N GLN A 336 0.86 14.63 9.96
CA GLN A 336 1.89 15.34 9.22
C GLN A 336 3.23 15.29 9.94
N LYS A 337 4.30 15.13 9.16
CA LYS A 337 5.66 15.17 9.67
C LYS A 337 6.62 15.76 8.64
#